data_6ZHC
#
_entry.id   6ZHC
#
_cell.length_a   70.990
_cell.length_b   101.180
_cell.length_c   106.930
_cell.angle_alpha   90.000
_cell.angle_beta   90.000
_cell.angle_gamma   90.000
#
_symmetry.space_group_name_H-M   'P 21 21 21'
#
loop_
_entity.id
_entity.type
_entity.pdbx_description
1 polymer 'von Hippel-Lindau disease tumor suppressor'
2 polymer Elongin-B
3 polymer Elongin-C
4 polymer 'Bcl-2-like protein 1'
5 non-polymer '2-[8-(1,3-benzothiazol-2-ylcarbamoyl)-3,4-dihydro-1~{H}-isoquinolin-2-yl]-5-[3-[4-[3-[2-[2-[2-[2-[2-[3-[[(2~{S})-3,3-dimethyl-1-[(2~{S},4~{R})-2-[[4-(4-methyl-1,3-thiazol-5-yl)phenyl]methylcarbamoyl]-4-oxidanyl-pyrrolidin-1-yl]-1-oxidanylidene-butan-2-yl]amino]-3-oxidanylidene-propoxy]ethoxy]ethoxy]ethoxy]ethoxy]ethoxy]prop-1-ynyl]phenoxy]propyl]-1,3-thiazole-4-carboxylic acid'
6 non-polymer 1,2-ETHANEDIOL
7 non-polymer GLYCEROL
8 non-polymer 'IODIDE ION'
9 water water
#
loop_
_entity_poly.entity_id
_entity_poly.type
_entity_poly.pdbx_seq_one_letter_code
_entity_poly.pdbx_strand_id
1 'polypeptide(L)'
;PRPVLRSVNSREPSQVIFCNRSPRVVLPVWLNFDGEPQPYPTLPPGTGRRIHSYRGHLWLFRDAGTHDGLLVNQTELFVP
SLNVDGQPIFANITLPVYTLKERCLQVVRSLVKPENYRRLDIVRSLYEDLEDHPNVQKDLERLTQERIAHQRMGD
;
AAA
2 'polypeptide(L)'
;MDVFLMIRRHKTTIFTDAKESSTVFELKRIVEGILKRPPDEQRLYKDDQLLDDGKTLGECGFTSQTARPQAPATVGLAFR
ADDTFEALCIEPFSSPPELPDVMKPQD
;
BBB
3 'polypeptide(L)'
;MYVKLISSDGHEFIVKREHALTSGTIKAMLSGPGQFAENETNEVNFREIPSHVLSKVCMYFTYKVRYTNSSTEIPEFPIA
PEIALELLMAANFLDC
;
CCC
4 'polypeptide(L)'
;MSMAMSQSNRELVVDFLSYKLSQKGYSWSQFSDVEENRTEAPEGTESEMETPSAINGNPSWHLADSPAVNGATGHSSSLD
AREVIPMAAVKQALREAGDEFELRYRRAFSDLTSQLHITPGTAYQSFEQVVNELFRDGVNWGRIVAFFSFGGALCVESVD
KEMQVLVSRIAAWMATYLNDHLEPWIQENGGWDTFVELYGNNAAAESRKGQERLEHHHHHH
;
DDD
#
# COMPACT_ATOMS: atom_id res chain seq x y z
N PRO A 1 -13.65 18.78 11.76
CA PRO A 1 -13.88 17.32 11.70
C PRO A 1 -12.57 16.53 11.52
N ARG A 2 -12.31 15.56 12.41
CA ARG A 2 -11.10 14.69 12.37
C ARG A 2 -11.33 13.61 11.33
N PRO A 3 -10.43 13.44 10.33
CA PRO A 3 -10.56 12.38 9.34
C PRO A 3 -10.73 11.00 10.02
N VAL A 4 -11.56 10.15 9.44
CA VAL A 4 -11.86 8.79 9.98
C VAL A 4 -10.56 7.97 10.00
N LEU A 5 -9.77 8.03 8.92
CA LEU A 5 -8.49 7.28 8.83
C LEU A 5 -7.34 8.21 9.26
N ARG A 6 -6.87 8.01 10.49
CA ARG A 6 -5.77 8.82 11.09
C ARG A 6 -5.12 7.99 12.20
N SER A 7 -3.86 8.27 12.50
CA SER A 7 -3.19 7.75 13.71
C SER A 7 -3.82 8.42 14.93
N VAL A 8 -3.94 7.67 16.02
N VAL A 8 -3.97 7.70 16.04
CA VAL A 8 -4.26 8.18 17.39
CA VAL A 8 -4.33 8.31 17.35
C VAL A 8 -2.94 8.56 18.05
C VAL A 8 -3.03 8.53 18.12
N ASN A 9 -2.90 9.70 18.75
CA ASN A 9 -1.69 10.09 19.52
C ASN A 9 -1.75 9.37 20.87
N SER A 10 -1.48 8.06 20.85
CA SER A 10 -1.51 7.16 22.03
C SER A 10 -0.32 7.47 22.96
N ARG A 11 0.80 7.92 22.38
CA ARG A 11 2.11 8.12 23.08
C ARG A 11 2.60 6.80 23.69
N GLU A 12 2.00 5.66 23.30
CA GLU A 12 2.31 4.30 23.86
C GLU A 12 3.22 3.56 22.89
N PRO A 13 4.54 3.48 23.17
CA PRO A 13 5.49 2.82 22.28
C PRO A 13 5.07 1.40 21.85
N SER A 14 5.33 1.06 20.59
CA SER A 14 5.16 -0.29 20.01
C SER A 14 6.33 -0.54 19.04
N GLN A 15 7.16 -1.53 19.35
N GLN A 15 7.20 -1.50 19.37
CA GLN A 15 8.28 -1.97 18.47
CA GLN A 15 8.30 -1.94 18.47
C GLN A 15 7.69 -2.83 17.35
C GLN A 15 7.68 -2.81 17.36
N VAL A 16 8.01 -2.49 16.11
CA VAL A 16 7.43 -3.13 14.90
C VAL A 16 8.60 -3.59 14.03
N ILE A 17 8.42 -4.73 13.38
CA ILE A 17 9.35 -5.16 12.29
CA ILE A 17 9.33 -5.22 12.29
C ILE A 17 8.61 -5.01 10.96
N PHE A 18 9.10 -4.10 10.13
CA PHE A 18 8.66 -3.98 8.72
C PHE A 18 9.44 -5.05 7.95
N CYS A 19 8.76 -6.11 7.51
CA CYS A 19 9.38 -7.23 6.77
C CYS A 19 8.89 -7.21 5.32
N ASN A 20 9.76 -6.79 4.40
CA ASN A 20 9.39 -6.69 2.96
C ASN A 20 9.53 -8.08 2.33
N ARG A 21 8.42 -8.83 2.27
N ARG A 21 8.43 -8.83 2.28
CA ARG A 21 8.33 -10.17 1.62
CA ARG A 21 8.34 -10.17 1.62
C ARG A 21 7.75 -10.00 0.20
C ARG A 21 7.74 -10.00 0.22
N SER A 22 8.15 -8.94 -0.49
CA SER A 22 7.71 -8.64 -1.87
C SER A 22 8.98 -8.41 -2.70
N PRO A 23 8.90 -8.51 -4.04
CA PRO A 23 10.02 -8.16 -4.91
C PRO A 23 10.09 -6.66 -5.25
N ARG A 24 9.24 -5.84 -4.62
CA ARG A 24 9.17 -4.38 -4.87
C ARG A 24 10.04 -3.67 -3.82
N VAL A 25 10.58 -2.52 -4.18
CA VAL A 25 11.10 -1.54 -3.17
C VAL A 25 9.86 -0.92 -2.52
N VAL A 26 9.79 -0.95 -1.19
CA VAL A 26 8.56 -0.54 -0.44
C VAL A 26 8.74 0.85 0.16
N LEU A 27 7.75 1.71 -0.08
CA LEU A 27 7.58 3.02 0.60
C LEU A 27 6.54 2.85 1.70
N PRO A 28 6.95 2.84 2.99
CA PRO A 28 6.01 2.91 4.10
C PRO A 28 5.40 4.32 4.15
N VAL A 29 4.11 4.38 4.44
CA VAL A 29 3.33 5.65 4.52
C VAL A 29 2.62 5.66 5.87
N TRP A 30 2.92 6.66 6.68
CA TRP A 30 2.27 6.89 7.99
C TRP A 30 1.14 7.90 7.80
N LEU A 31 -0.05 7.59 8.33
CA LEU A 31 -1.14 8.59 8.43
C LEU A 31 -0.92 9.37 9.73
N ASN A 32 -0.71 10.68 9.64
CA ASN A 32 -0.44 11.51 10.83
C ASN A 32 -1.74 11.69 11.63
N PHE A 33 -1.71 12.54 12.66
CA PHE A 33 -2.80 12.70 13.64
C PHE A 33 -3.97 13.44 12.99
N ASP A 34 -3.77 14.02 11.81
CA ASP A 34 -4.87 14.63 11.02
C ASP A 34 -5.08 13.87 9.71
N GLY A 35 -4.65 12.61 9.63
CA GLY A 35 -4.91 11.70 8.49
C GLY A 35 -4.12 12.02 7.24
N GLU A 36 -3.08 12.87 7.32
CA GLU A 36 -2.26 13.22 6.13
C GLU A 36 -1.22 12.13 5.94
N PRO A 37 -1.08 11.56 4.71
CA PRO A 37 -0.08 10.51 4.48
C PRO A 37 1.33 11.12 4.44
N GLN A 38 2.25 10.54 5.21
CA GLN A 38 3.66 11.01 5.35
C GLN A 38 4.59 9.86 4.97
N PRO A 39 5.41 10.02 3.91
CA PRO A 39 6.33 8.97 3.48
C PRO A 39 7.47 8.77 4.49
N TYR A 40 7.89 7.52 4.65
CA TYR A 40 9.05 7.10 5.48
C TYR A 40 10.06 6.45 4.55
N PRO A 41 11.31 6.24 5.01
CA PRO A 41 12.34 5.63 4.18
C PRO A 41 11.95 4.25 3.62
N THR A 42 12.52 3.94 2.45
CA THR A 42 12.19 2.75 1.65
C THR A 42 12.84 1.49 2.24
N LEU A 43 12.24 0.34 1.96
N LEU A 43 12.24 0.33 1.95
CA LEU A 43 12.75 -1.02 2.31
CA LEU A 43 12.73 -1.02 2.30
C LEU A 43 13.02 -1.78 1.01
C LEU A 43 13.02 -1.78 1.01
N PRO A 44 14.28 -2.20 0.75
CA PRO A 44 14.57 -3.03 -0.41
C PRO A 44 13.89 -4.40 -0.28
N PRO A 45 13.66 -5.13 -1.40
CA PRO A 45 13.06 -6.46 -1.35
C PRO A 45 13.80 -7.41 -0.41
N GLY A 46 13.05 -8.21 0.36
CA GLY A 46 13.58 -9.29 1.21
C GLY A 46 14.41 -8.77 2.37
N THR A 47 14.17 -7.53 2.80
CA THR A 47 14.83 -6.92 3.97
C THR A 47 13.79 -6.66 5.07
N GLY A 48 14.24 -6.74 6.32
CA GLY A 48 13.46 -6.43 7.52
C GLY A 48 14.14 -5.33 8.32
N ARG A 49 13.37 -4.44 8.93
CA ARG A 49 13.89 -3.36 9.81
C ARG A 49 13.03 -3.27 11.06
N ARG A 50 13.67 -3.19 12.22
CA ARG A 50 13.00 -2.95 13.52
C ARG A 50 12.80 -1.44 13.66
N ILE A 51 11.56 -0.99 13.84
CA ILE A 51 11.22 0.47 13.84
C ILE A 51 10.37 0.78 15.08
N HIS A 52 10.51 2.02 15.56
CA HIS A 52 9.77 2.59 16.71
C HIS A 52 8.46 3.17 16.17
N SER A 53 7.32 2.59 16.54
CA SER A 53 5.98 3.16 16.27
C SER A 53 5.19 3.17 17.58
N TYR A 54 3.87 3.30 17.50
CA TYR A 54 2.99 3.58 18.65
C TYR A 54 1.67 2.87 18.43
N ARG A 55 1.04 2.44 19.52
CA ARG A 55 -0.30 1.81 19.50
C ARG A 55 -1.27 2.75 18.79
N GLY A 56 -2.11 2.20 17.90
CA GLY A 56 -3.19 2.92 17.22
C GLY A 56 -2.68 3.83 16.11
N HIS A 57 -1.42 3.72 15.71
CA HIS A 57 -0.88 4.40 14.51
C HIS A 57 -1.35 3.62 13.27
N LEU A 58 -1.56 4.30 12.15
N LEU A 58 -1.55 4.31 12.16
CA LEU A 58 -2.02 3.68 10.88
CA LEU A 58 -2.02 3.75 10.86
C LEU A 58 -0.92 3.82 9.82
C LEU A 58 -0.88 3.82 9.83
N TRP A 59 -0.60 2.69 9.17
CA TRP A 59 0.43 2.58 8.10
C TRP A 59 -0.19 1.95 6.85
N LEU A 60 0.24 2.44 5.68
CA LEU A 60 0.04 1.86 4.32
C LEU A 60 1.42 1.52 3.75
N PHE A 61 1.47 0.65 2.75
CA PHE A 61 2.73 0.29 2.04
C PHE A 61 2.48 0.31 0.54
N ARG A 62 3.38 0.97 -0.20
CA ARG A 62 3.31 1.16 -1.66
C ARG A 62 4.62 0.73 -2.31
N ASP A 63 4.57 0.40 -3.59
CA ASP A 63 5.77 0.31 -4.45
C ASP A 63 6.38 1.71 -4.53
N ALA A 64 7.64 1.87 -4.11
CA ALA A 64 8.35 3.17 -4.00
C ALA A 64 8.45 3.87 -5.36
N GLY A 65 8.50 3.11 -6.45
CA GLY A 65 8.68 3.64 -7.82
C GLY A 65 7.36 3.87 -8.56
N THR A 66 6.40 2.95 -8.45
CA THR A 66 5.16 2.94 -9.28
C THR A 66 3.93 3.33 -8.46
N HIS A 67 4.00 3.27 -7.14
CA HIS A 67 2.89 3.60 -6.18
C HIS A 67 1.81 2.51 -6.19
N ASP A 68 2.07 1.34 -6.80
CA ASP A 68 1.19 0.16 -6.65
C ASP A 68 0.95 -0.08 -5.15
N GLY A 69 -0.29 -0.37 -4.77
CA GLY A 69 -0.65 -0.76 -3.40
C GLY A 69 -0.07 -2.12 -3.05
N LEU A 70 0.39 -2.28 -1.81
CA LEU A 70 0.83 -3.59 -1.28
C LEU A 70 -0.03 -3.97 -0.08
N LEU A 71 0.05 -5.23 0.34
CA LEU A 71 -0.64 -5.73 1.56
C LEU A 71 0.34 -5.79 2.72
N VAL A 72 -0.19 -5.69 3.93
CA VAL A 72 0.55 -5.87 5.20
C VAL A 72 -0.33 -6.76 6.09
N ASN A 73 0.20 -7.92 6.48
CA ASN A 73 -0.57 -8.97 7.20
C ASN A 73 -1.90 -9.18 6.45
N GLN A 74 -1.83 -9.26 5.11
CA GLN A 74 -2.93 -9.65 4.18
C GLN A 74 -4.01 -8.57 4.08
N THR A 75 -3.78 -7.36 4.59
CA THR A 75 -4.78 -6.26 4.47
C THR A 75 -4.07 -4.97 4.04
N GLU A 76 -4.82 -3.88 3.86
CA GLU A 76 -4.29 -2.61 3.31
C GLU A 76 -3.67 -1.76 4.42
N LEU A 77 -4.27 -1.77 5.61
CA LEU A 77 -3.87 -0.91 6.76
C LEU A 77 -3.21 -1.77 7.84
N PHE A 78 -2.13 -1.27 8.42
CA PHE A 78 -1.42 -1.89 9.56
C PHE A 78 -1.52 -0.96 10.78
N VAL A 79 -1.99 -1.49 11.91
CA VAL A 79 -2.13 -0.74 13.19
C VAL A 79 -1.34 -1.47 14.27
N PRO A 80 -0.21 -0.92 14.76
CA PRO A 80 0.52 -1.54 15.86
C PRO A 80 -0.36 -1.65 17.12
N SER A 81 -0.25 -2.79 17.80
CA SER A 81 -0.81 -3.07 19.14
C SER A 81 0.35 -3.07 20.16
N LEU A 82 0.05 -3.21 21.45
CA LEU A 82 1.10 -3.26 22.50
C LEU A 82 1.87 -4.60 22.39
N ASN A 83 3.19 -4.54 22.51
CA ASN A 83 4.11 -5.70 22.46
C ASN A 83 3.82 -6.60 23.67
N VAL A 84 3.50 -7.88 23.42
CA VAL A 84 3.25 -8.90 24.49
C VAL A 84 4.53 -9.72 24.68
N ASP A 85 5.00 -9.83 25.93
CA ASP A 85 6.23 -10.57 26.33
C ASP A 85 7.44 -9.98 25.57
N GLY A 86 7.46 -8.65 25.38
CA GLY A 86 8.56 -7.89 24.76
C GLY A 86 8.95 -8.42 23.39
N GLN A 87 8.01 -8.98 22.63
CA GLN A 87 8.23 -9.43 21.23
C GLN A 87 7.66 -8.39 20.28
N PRO A 88 8.41 -7.98 19.23
CA PRO A 88 7.94 -6.96 18.30
C PRO A 88 6.73 -7.44 17.48
N ILE A 89 5.90 -6.49 17.03
CA ILE A 89 4.76 -6.75 16.10
C ILE A 89 5.34 -6.88 14.70
N PHE A 90 5.01 -7.96 14.00
CA PHE A 90 5.44 -8.19 12.58
C PHE A 90 4.45 -7.52 11.63
N ALA A 91 4.97 -6.63 10.76
CA ALA A 91 4.26 -6.10 9.57
C ALA A 91 4.82 -6.82 8.35
N ASN A 92 4.16 -7.89 7.94
CA ASN A 92 4.59 -8.74 6.80
C ASN A 92 4.04 -8.11 5.52
N ILE A 93 4.90 -7.47 4.74
CA ILE A 93 4.51 -6.72 3.51
C ILE A 93 4.65 -7.67 2.33
N THR A 94 3.57 -7.86 1.58
CA THR A 94 3.51 -8.80 0.44
C THR A 94 2.83 -8.13 -0.76
N LEU A 95 3.00 -8.73 -1.94
CA LEU A 95 2.15 -8.41 -3.11
C LEU A 95 0.72 -8.80 -2.78
N PRO A 96 -0.28 -7.98 -3.18
CA PRO A 96 -1.65 -8.45 -3.28
C PRO A 96 -1.67 -9.39 -4.49
N VAL A 97 -2.72 -10.18 -4.62
CA VAL A 97 -3.11 -10.80 -5.92
C VAL A 97 -3.84 -9.69 -6.70
N TYR A 98 -3.10 -8.94 -7.50
CA TYR A 98 -3.70 -7.90 -8.38
C TYR A 98 -4.69 -8.60 -9.32
N THR A 99 -5.75 -7.91 -9.73
CA THR A 99 -6.56 -8.35 -10.90
C THR A 99 -5.62 -8.51 -12.09
N LEU A 100 -5.94 -9.39 -13.02
CA LEU A 100 -5.09 -9.53 -14.24
C LEU A 100 -5.05 -8.18 -14.94
N LYS A 101 -6.17 -7.46 -15.01
CA LYS A 101 -6.21 -6.12 -15.65
C LYS A 101 -5.21 -5.16 -14.98
N GLU A 102 -5.22 -5.06 -13.65
CA GLU A 102 -4.30 -4.12 -12.95
C GLU A 102 -2.85 -4.57 -13.19
N ARG A 103 -2.59 -5.88 -13.14
CA ARG A 103 -1.22 -6.40 -13.36
C ARG A 103 -0.77 -6.04 -14.78
N CYS A 104 -1.65 -6.21 -15.77
CA CYS A 104 -1.34 -5.84 -17.18
C CYS A 104 -1.07 -4.33 -17.28
N LEU A 105 -1.87 -3.50 -16.62
CA LEU A 105 -1.66 -2.02 -16.61
C LEU A 105 -0.27 -1.73 -16.01
N GLN A 106 0.10 -2.42 -14.94
CA GLN A 106 1.43 -2.21 -14.27
C GLN A 106 2.54 -2.48 -15.28
N VAL A 107 2.43 -3.60 -16.03
CA VAL A 107 3.50 -4.03 -16.96
C VAL A 107 3.56 -3.07 -18.14
N VAL A 108 2.42 -2.69 -18.73
CA VAL A 108 2.41 -1.75 -19.89
C VAL A 108 3.01 -0.41 -19.45
N ARG A 109 2.58 0.12 -18.29
CA ARG A 109 3.15 1.36 -17.70
C ARG A 109 4.68 1.23 -17.61
N SER A 110 5.20 0.05 -17.23
CA SER A 110 6.65 -0.17 -17.00
C SER A 110 7.40 -0.16 -18.34
N LEU A 111 6.74 -0.50 -19.45
CA LEU A 111 7.38 -0.69 -20.78
C LEU A 111 7.22 0.55 -21.66
N VAL A 112 6.28 1.44 -21.35
CA VAL A 112 5.91 2.56 -22.27
C VAL A 112 6.16 3.89 -21.55
N LYS A 113 6.87 4.81 -22.21
CA LYS A 113 7.03 6.21 -21.74
C LYS A 113 5.64 6.82 -21.55
N PRO A 114 5.39 7.57 -20.45
CA PRO A 114 4.07 8.17 -20.21
C PRO A 114 3.52 8.97 -21.40
N GLU A 115 4.40 9.68 -22.12
CA GLU A 115 4.01 10.51 -23.30
C GLU A 115 3.57 9.62 -24.47
N ASN A 116 3.84 8.31 -24.42
CA ASN A 116 3.51 7.35 -25.50
C ASN A 116 2.27 6.51 -25.16
N TYR A 117 1.71 6.60 -23.95
CA TYR A 117 0.45 5.86 -23.62
C TYR A 117 -0.61 6.17 -24.69
N ARG A 118 -0.71 7.45 -25.07
CA ARG A 118 -1.77 7.97 -25.98
C ARG A 118 -1.56 7.42 -27.40
N ARG A 119 -0.40 6.85 -27.70
CA ARG A 119 -0.04 6.31 -29.05
C ARG A 119 -0.30 4.80 -29.12
N LEU A 120 -0.58 4.15 -27.99
CA LEU A 120 -0.88 2.69 -27.98
C LEU A 120 -2.18 2.45 -28.75
N ASP A 121 -2.21 1.37 -29.54
CA ASP A 121 -3.38 0.99 -30.37
C ASP A 121 -4.39 0.27 -29.47
N ILE A 122 -5.03 1.02 -28.58
CA ILE A 122 -6.03 0.52 -27.60
C ILE A 122 -7.17 1.52 -27.54
N VAL A 123 -8.34 1.08 -27.10
CA VAL A 123 -9.54 1.95 -26.92
C VAL A 123 -9.20 3.01 -25.85
N ARG A 124 -9.88 4.15 -25.94
CA ARG A 124 -9.61 5.33 -25.10
C ARG A 124 -9.76 4.98 -23.61
N SER A 125 -10.75 4.16 -23.25
CA SER A 125 -11.02 3.79 -21.84
C SER A 125 -9.79 3.08 -21.24
N LEU A 126 -9.07 2.28 -22.04
CA LEU A 126 -7.84 1.59 -21.57
C LEU A 126 -6.68 2.57 -21.46
N TYR A 127 -6.55 3.51 -22.40
CA TYR A 127 -5.54 4.60 -22.30
C TYR A 127 -5.78 5.34 -20.97
N GLU A 128 -7.04 5.64 -20.65
CA GLU A 128 -7.41 6.40 -19.43
C GLU A 128 -7.09 5.54 -18.19
N ASP A 129 -7.28 4.23 -18.26
CA ASP A 129 -6.91 3.28 -17.17
C ASP A 129 -5.39 3.35 -16.93
N LEU A 130 -4.57 3.35 -17.98
CA LEU A 130 -3.08 3.44 -17.89
C LEU A 130 -2.69 4.75 -17.19
N GLU A 131 -3.35 5.84 -17.58
CA GLU A 131 -3.03 7.23 -17.14
CA GLU A 131 -3.02 7.22 -17.14
C GLU A 131 -3.43 7.41 -15.67
N ASP A 132 -4.46 6.71 -15.21
CA ASP A 132 -4.98 6.83 -13.83
C ASP A 132 -4.13 5.96 -12.90
N HIS A 133 -2.90 6.39 -12.64
CA HIS A 133 -1.88 5.65 -11.84
C HIS A 133 -2.42 5.41 -10.44
N PRO A 134 -2.05 4.29 -9.78
CA PRO A 134 -2.43 4.07 -8.38
C PRO A 134 -1.83 5.18 -7.50
N ASN A 135 -2.51 5.50 -6.41
CA ASN A 135 -2.04 6.53 -5.45
C ASN A 135 -2.74 6.29 -4.11
N VAL A 136 -2.08 6.70 -3.02
CA VAL A 136 -2.58 6.57 -1.62
C VAL A 136 -3.92 7.30 -1.49
N GLN A 137 -4.03 8.50 -2.04
CA GLN A 137 -5.21 9.39 -1.90
C GLN A 137 -6.48 8.65 -2.36
N LYS A 138 -6.42 8.02 -3.54
CA LYS A 138 -7.54 7.25 -4.13
C LYS A 138 -7.93 6.11 -3.18
N ASP A 139 -6.95 5.38 -2.64
CA ASP A 139 -7.20 4.22 -1.74
C ASP A 139 -7.78 4.70 -0.40
N LEU A 140 -7.31 5.82 0.14
CA LEU A 140 -7.83 6.35 1.43
C LEU A 140 -9.31 6.76 1.27
N GLU A 141 -9.68 7.36 0.14
CA GLU A 141 -11.10 7.70 -0.18
C GLU A 141 -11.93 6.43 -0.12
N ARG A 142 -11.51 5.38 -0.82
CA ARG A 142 -12.25 4.08 -0.89
C ARG A 142 -12.30 3.44 0.50
N LEU A 143 -11.19 3.41 1.25
CA LEU A 143 -11.14 2.78 2.59
C LEU A 143 -12.00 3.59 3.58
N THR A 144 -12.04 4.91 3.44
CA THR A 144 -12.91 5.80 4.24
C THR A 144 -14.38 5.46 3.95
N GLN A 145 -14.75 5.32 2.68
CA GLN A 145 -16.14 5.01 2.24
C GLN A 145 -16.56 3.62 2.75
N GLU A 146 -15.65 2.64 2.66
N GLU A 146 -15.65 2.64 2.67
CA GLU A 146 -15.85 1.26 3.17
CA GLU A 146 -15.85 1.25 3.18
C GLU A 146 -16.19 1.31 4.67
C GLU A 146 -16.19 1.31 4.67
N ARG A 147 -15.42 2.06 5.46
CA ARG A 147 -15.61 2.13 6.94
C ARG A 147 -16.88 2.93 7.28
N ILE A 148 -17.23 3.95 6.49
CA ILE A 148 -18.48 4.76 6.68
C ILE A 148 -19.69 3.85 6.44
N ALA A 149 -19.64 3.01 5.40
CA ALA A 149 -20.68 1.99 5.08
C ALA A 149 -20.79 0.97 6.22
N HIS A 150 -19.67 0.68 6.89
CA HIS A 150 -19.55 -0.32 7.99
C HIS A 150 -19.96 0.30 9.33
N GLN A 151 -19.59 1.57 9.56
CA GLN A 151 -19.88 2.32 10.82
C GLN A 151 -21.24 3.02 10.70
N MET B 1 3.49 -30.91 -1.18
CA MET B 1 4.14 -29.92 -2.12
C MET B 1 3.50 -30.05 -3.51
N ASP B 2 2.77 -29.03 -3.94
CA ASP B 2 1.90 -29.05 -5.15
C ASP B 2 2.73 -28.66 -6.39
N VAL B 3 2.49 -29.33 -7.51
CA VAL B 3 3.01 -28.97 -8.86
C VAL B 3 1.83 -28.60 -9.75
N PHE B 4 2.00 -27.63 -10.64
CA PHE B 4 0.92 -27.08 -11.48
C PHE B 4 1.23 -27.43 -12.93
N LEU B 5 0.26 -28.05 -13.59
CA LEU B 5 0.46 -28.77 -14.87
C LEU B 5 -0.49 -28.25 -15.94
N MET B 6 -0.02 -28.32 -17.19
CA MET B 6 -0.87 -28.36 -18.40
C MET B 6 -0.71 -29.76 -19.02
N ILE B 7 -1.77 -30.56 -19.00
CA ILE B 7 -1.80 -31.89 -19.67
C ILE B 7 -2.33 -31.67 -21.08
N ARG B 8 -1.50 -31.91 -22.09
CA ARG B 8 -1.74 -31.44 -23.48
C ARG B 8 -1.77 -32.62 -24.44
N ARG B 9 -2.80 -32.65 -25.28
CA ARG B 9 -2.95 -33.60 -26.41
C ARG B 9 -3.69 -32.88 -27.54
N HIS B 10 -3.14 -32.89 -28.76
CA HIS B 10 -3.78 -32.30 -29.95
C HIS B 10 -4.10 -30.83 -29.62
N LYS B 11 -5.39 -30.45 -29.60
CA LYS B 11 -5.83 -29.06 -29.30
C LYS B 11 -6.54 -29.02 -27.94
N THR B 12 -6.24 -29.98 -27.04
CA THR B 12 -6.78 -30.06 -25.66
C THR B 12 -5.67 -29.73 -24.65
N THR B 13 -5.95 -28.83 -23.72
CA THR B 13 -5.07 -28.49 -22.57
C THR B 13 -5.90 -28.56 -21.28
N ILE B 14 -5.53 -29.46 -20.37
CA ILE B 14 -6.12 -29.55 -19.01
C ILE B 14 -5.19 -28.80 -18.04
N PHE B 15 -5.73 -27.84 -17.31
CA PHE B 15 -5.05 -27.16 -16.17
C PHE B 15 -5.45 -27.91 -14.90
N THR B 16 -4.47 -28.52 -14.22
CA THR B 16 -4.68 -29.15 -12.90
C THR B 16 -3.40 -29.07 -12.07
N ASP B 17 -3.50 -29.42 -10.80
CA ASP B 17 -2.35 -29.54 -9.87
C ASP B 17 -2.32 -30.97 -9.33
N ALA B 18 -1.18 -31.38 -8.79
CA ALA B 18 -0.96 -32.69 -8.15
C ALA B 18 0.19 -32.56 -7.15
N LYS B 19 0.34 -33.52 -6.22
CA LYS B 19 1.47 -33.57 -5.26
C LYS B 19 2.71 -34.02 -6.02
N GLU B 20 3.88 -33.46 -5.69
CA GLU B 20 5.21 -33.95 -6.15
C GLU B 20 5.34 -35.45 -5.87
N SER B 21 4.74 -35.92 -4.77
CA SER B 21 4.81 -37.32 -4.27
C SER B 21 3.80 -38.22 -5.00
N SER B 22 2.78 -37.65 -5.63
CA SER B 22 1.75 -38.41 -6.41
C SER B 22 2.43 -39.07 -7.61
N THR B 23 1.85 -40.16 -8.13
CA THR B 23 2.46 -40.99 -9.20
C THR B 23 1.89 -40.63 -10.57
N VAL B 24 2.61 -41.01 -11.63
CA VAL B 24 2.19 -40.92 -13.05
C VAL B 24 0.84 -41.64 -13.20
N PHE B 25 0.72 -42.84 -12.62
CA PHE B 25 -0.54 -43.64 -12.65
C PHE B 25 -1.67 -42.80 -12.04
N GLU B 26 -1.42 -42.14 -10.91
CA GLU B 26 -2.46 -41.34 -10.22
C GLU B 26 -2.87 -40.16 -11.11
N LEU B 27 -1.93 -39.57 -11.86
CA LEU B 27 -2.24 -38.46 -12.79
C LEU B 27 -3.11 -38.98 -13.95
N LYS B 28 -2.86 -40.21 -14.41
CA LYS B 28 -3.71 -40.87 -15.44
C LYS B 28 -5.15 -41.03 -14.92
N ARG B 29 -5.32 -41.35 -13.63
CA ARG B 29 -6.68 -41.46 -13.02
C ARG B 29 -7.37 -40.10 -13.06
N ILE B 30 -6.62 -39.01 -12.85
CA ILE B 30 -7.15 -37.62 -12.97
C ILE B 30 -7.63 -37.41 -14.42
N VAL B 31 -6.81 -37.79 -15.40
CA VAL B 31 -7.13 -37.63 -16.84
C VAL B 31 -8.38 -38.45 -17.18
N GLU B 32 -8.48 -39.68 -16.65
CA GLU B 32 -9.62 -40.61 -16.88
C GLU B 32 -10.93 -39.95 -16.45
N GLY B 33 -10.93 -39.28 -15.30
CA GLY B 33 -12.09 -38.55 -14.76
C GLY B 33 -12.58 -37.47 -15.71
N ILE B 34 -11.66 -36.82 -16.44
CA ILE B 34 -11.95 -35.66 -17.33
C ILE B 34 -12.23 -36.13 -18.76
N LEU B 35 -11.35 -36.96 -19.34
CA LEU B 35 -11.38 -37.31 -20.79
C LEU B 35 -11.89 -38.74 -21.02
N LYS B 36 -12.23 -39.48 -19.96
CA LYS B 36 -12.97 -40.77 -20.05
C LYS B 36 -12.16 -41.81 -20.83
N ARG B 37 -10.85 -41.87 -20.64
CA ARG B 37 -9.99 -42.97 -21.15
C ARG B 37 -9.24 -43.55 -19.96
N PRO B 38 -9.22 -44.89 -19.77
CA PRO B 38 -8.53 -45.48 -18.61
C PRO B 38 -7.01 -45.34 -18.69
N PRO B 39 -6.30 -45.50 -17.56
CA PRO B 39 -4.84 -45.36 -17.54
C PRO B 39 -4.08 -46.22 -18.57
N ASP B 40 -4.54 -47.44 -18.82
CA ASP B 40 -3.86 -48.38 -19.76
C ASP B 40 -4.11 -47.95 -21.20
N GLU B 41 -4.96 -46.94 -21.45
CA GLU B 41 -5.16 -46.33 -22.78
C GLU B 41 -4.49 -44.94 -22.85
N GLN B 42 -3.63 -44.61 -21.89
CA GLN B 42 -2.89 -43.32 -21.83
C GLN B 42 -1.38 -43.55 -21.78
N ARG B 43 -0.63 -42.71 -22.49
CA ARG B 43 0.81 -42.43 -22.27
C ARG B 43 0.96 -40.98 -21.83
N LEU B 44 1.72 -40.73 -20.76
CA LEU B 44 2.10 -39.37 -20.32
C LEU B 44 3.59 -39.16 -20.57
N TYR B 45 3.95 -37.96 -21.02
CA TYR B 45 5.32 -37.58 -21.46
C TYR B 45 5.77 -36.29 -20.77
N LYS B 46 7.04 -36.25 -20.41
CA LYS B 46 7.78 -34.98 -20.17
C LYS B 46 8.68 -34.80 -21.39
N ASP B 47 8.39 -33.78 -22.20
CA ASP B 47 8.96 -33.60 -23.56
C ASP B 47 8.74 -34.91 -24.34
N ASP B 48 9.81 -35.54 -24.84
CA ASP B 48 9.71 -36.79 -25.65
C ASP B 48 9.94 -38.03 -24.77
N GLN B 49 10.15 -37.87 -23.46
CA GLN B 49 10.38 -39.01 -22.52
C GLN B 49 9.03 -39.56 -22.04
N LEU B 50 8.75 -40.83 -22.38
CA LEU B 50 7.58 -41.58 -21.86
C LEU B 50 7.78 -41.79 -20.36
N LEU B 51 6.75 -41.53 -19.56
CA LEU B 51 6.83 -41.59 -18.08
C LEU B 51 6.29 -42.94 -17.59
N ASP B 52 7.05 -43.59 -16.70
CA ASP B 52 6.68 -44.90 -16.10
C ASP B 52 5.62 -44.65 -15.01
N ASP B 53 4.56 -45.46 -15.00
CA ASP B 53 3.38 -45.34 -14.09
C ASP B 53 3.81 -45.29 -12.62
N GLY B 54 4.87 -46.03 -12.27
CA GLY B 54 5.36 -46.18 -10.88
C GLY B 54 5.97 -44.91 -10.33
N LYS B 55 6.68 -44.14 -11.17
CA LYS B 55 7.46 -42.94 -10.74
C LYS B 55 6.52 -41.85 -10.20
N THR B 56 7.00 -41.09 -9.22
CA THR B 56 6.36 -39.84 -8.71
C THR B 56 6.65 -38.72 -9.72
N LEU B 57 5.83 -37.67 -9.70
CA LEU B 57 5.98 -36.48 -10.59
C LEU B 57 7.33 -35.80 -10.28
N GLY B 58 7.74 -35.79 -9.01
CA GLY B 58 9.06 -35.31 -8.56
C GLY B 58 10.20 -36.07 -9.20
N GLU B 59 10.10 -37.40 -9.26
CA GLU B 59 11.12 -38.30 -9.89
C GLU B 59 11.19 -38.07 -11.40
N CYS B 60 10.11 -37.56 -12.01
CA CYS B 60 10.01 -37.26 -13.46
C CYS B 60 10.59 -35.88 -13.78
N GLY B 61 10.73 -34.99 -12.77
CA GLY B 61 11.31 -33.64 -12.92
C GLY B 61 10.28 -32.53 -12.79
N PHE B 62 9.08 -32.85 -12.30
CA PHE B 62 8.01 -31.86 -11.97
C PHE B 62 8.16 -31.45 -10.50
N THR B 63 8.78 -30.29 -10.27
CA THR B 63 9.02 -29.71 -8.92
C THR B 63 8.28 -28.38 -8.82
N SER B 64 8.16 -27.83 -7.61
N SER B 64 8.15 -27.87 -7.59
CA SER B 64 7.46 -26.56 -7.31
CA SER B 64 7.51 -26.57 -7.24
C SER B 64 8.20 -25.36 -7.92
C SER B 64 8.17 -25.42 -8.01
N GLN B 65 9.49 -25.54 -8.26
CA GLN B 65 10.30 -24.49 -8.93
C GLN B 65 10.04 -24.48 -10.45
N THR B 66 9.78 -25.65 -11.05
CA THR B 66 9.63 -25.82 -12.52
C THR B 66 8.16 -26.00 -12.93
N ALA B 67 7.22 -26.10 -11.98
CA ALA B 67 5.78 -26.30 -12.23
C ALA B 67 4.94 -25.39 -11.32
N ARG B 68 4.98 -24.09 -11.60
CA ARG B 68 4.36 -23.03 -10.75
C ARG B 68 2.95 -22.74 -11.24
N PRO B 69 2.06 -22.21 -10.37
CA PRO B 69 0.71 -21.82 -10.78
C PRO B 69 0.72 -20.89 -12.00
N GLN B 70 1.63 -19.90 -11.98
CA GLN B 70 1.72 -18.80 -12.98
C GLN B 70 2.55 -19.24 -14.19
N ALA B 71 3.20 -20.41 -14.13
CA ALA B 71 4.07 -20.95 -15.20
C ALA B 71 4.07 -22.48 -15.10
N PRO B 72 2.94 -23.15 -15.41
CA PRO B 72 2.83 -24.60 -15.23
C PRO B 72 3.72 -25.39 -16.20
N ALA B 73 4.11 -26.60 -15.79
CA ALA B 73 4.90 -27.55 -16.59
C ALA B 73 3.95 -28.32 -17.51
N THR B 74 4.40 -28.65 -18.72
CA THR B 74 3.62 -29.38 -19.74
C THR B 74 3.83 -30.89 -19.57
N VAL B 75 2.74 -31.65 -19.53
CA VAL B 75 2.70 -33.12 -19.62
C VAL B 75 2.00 -33.48 -20.94
N GLY B 76 2.71 -34.18 -21.82
CA GLY B 76 2.15 -34.67 -23.09
C GLY B 76 1.27 -35.88 -22.86
N LEU B 77 0.17 -36.00 -23.60
CA LEU B 77 -0.78 -37.13 -23.46
C LEU B 77 -1.03 -37.72 -24.85
N ALA B 78 -0.92 -39.04 -24.96
CA ALA B 78 -1.30 -39.81 -26.15
C ALA B 78 -2.23 -40.95 -25.73
N PHE B 79 -3.23 -41.22 -26.58
CA PHE B 79 -4.25 -42.27 -26.36
C PHE B 79 -3.91 -43.52 -27.18
N ARG B 80 -4.38 -44.67 -26.70
CA ARG B 80 -4.19 -45.97 -27.37
C ARG B 80 -5.32 -46.14 -28.41
N ALA B 81 -4.98 -46.00 -29.68
CA ALA B 81 -5.91 -45.82 -30.82
C ALA B 81 -6.45 -47.18 -31.27
N ASP B 82 -5.71 -48.26 -30.98
CA ASP B 82 -6.10 -49.66 -31.32
C ASP B 82 -5.43 -50.56 -30.27
N ASP B 83 -4.61 -51.52 -30.69
CA ASP B 83 -3.69 -52.25 -29.78
C ASP B 83 -2.44 -51.39 -29.56
N THR B 84 -2.19 -50.40 -30.43
CA THR B 84 -1.01 -49.50 -30.39
C THR B 84 -1.41 -48.04 -30.08
N PHE B 85 -0.45 -47.24 -29.62
CA PHE B 85 -0.64 -45.82 -29.25
C PHE B 85 -0.51 -44.94 -30.49
N GLU B 86 -1.31 -43.88 -30.57
CA GLU B 86 -1.11 -42.77 -31.53
C GLU B 86 0.23 -42.12 -31.21
N ALA B 87 0.87 -41.49 -32.20
CA ALA B 87 2.07 -40.65 -31.99
C ALA B 87 1.68 -39.50 -31.05
N LEU B 88 2.58 -39.10 -30.15
CA LEU B 88 2.38 -37.89 -29.31
C LEU B 88 2.26 -36.70 -30.27
N CYS B 89 1.18 -35.93 -30.17
CA CYS B 89 0.94 -34.74 -31.04
C CYS B 89 0.28 -33.66 -30.19
N ILE B 90 0.99 -32.53 -30.01
CA ILE B 90 0.51 -31.32 -29.29
C ILE B 90 0.53 -30.16 -30.29
N GLU B 91 -0.63 -29.62 -30.62
CA GLU B 91 -0.72 -28.44 -31.54
CA GLU B 91 -0.74 -28.45 -31.54
C GLU B 91 -0.20 -27.23 -30.80
N PRO B 92 0.73 -26.45 -31.40
CA PRO B 92 1.27 -25.28 -30.70
C PRO B 92 0.19 -24.22 -30.51
N PHE B 93 0.33 -23.38 -29.48
CA PHE B 93 -0.52 -22.19 -29.31
C PHE B 93 -0.19 -21.20 -30.43
N SER B 94 -1.06 -20.22 -30.65
CA SER B 94 -0.83 -19.08 -31.57
C SER B 94 0.40 -18.29 -31.13
N SER B 95 0.85 -17.34 -31.94
CA SER B 95 2.04 -16.49 -31.67
C SER B 95 1.63 -15.04 -31.54
N PRO B 96 2.23 -14.27 -30.61
CA PRO B 96 1.92 -12.84 -30.48
C PRO B 96 2.45 -12.08 -31.69
N PRO B 97 1.95 -10.85 -31.95
CA PRO B 97 2.50 -10.04 -33.04
C PRO B 97 3.88 -9.47 -32.66
N GLU B 98 4.58 -8.90 -33.64
CA GLU B 98 5.79 -8.08 -33.42
C GLU B 98 5.50 -7.07 -32.31
N LEU B 99 6.47 -6.83 -31.43
CA LEU B 99 6.38 -5.81 -30.36
C LEU B 99 6.24 -4.44 -31.02
N PRO B 100 5.21 -3.62 -30.68
CA PRO B 100 5.11 -2.28 -31.24
C PRO B 100 6.26 -1.36 -30.78
N ASP B 101 6.57 -0.35 -31.59
CA ASP B 101 7.74 0.55 -31.40
C ASP B 101 7.72 1.17 -29.99
N VAL B 102 6.55 1.64 -29.54
CA VAL B 102 6.44 2.41 -28.26
C VAL B 102 6.68 1.48 -27.05
N MET B 103 6.77 0.16 -27.25
CA MET B 103 6.96 -0.81 -26.13
C MET B 103 8.39 -1.38 -26.14
N LYS B 104 9.28 -0.80 -26.94
CA LYS B 104 10.73 -1.15 -26.99
C LYS B 104 11.49 -0.23 -26.03
N PRO B 105 12.62 -0.69 -25.42
CA PRO B 105 13.55 0.21 -24.75
C PRO B 105 14.29 1.10 -25.76
N MET C 1 -15.04 -30.77 -10.98
CA MET C 1 -16.07 -30.03 -11.77
C MET C 1 -15.35 -29.05 -12.71
N TYR C 2 -15.22 -29.40 -13.98
CA TYR C 2 -14.41 -28.67 -14.99
C TYR C 2 -15.33 -28.03 -16.01
N VAL C 3 -14.88 -26.92 -16.61
CA VAL C 3 -15.54 -26.27 -17.77
C VAL C 3 -14.50 -26.15 -18.89
N LYS C 4 -14.97 -25.90 -20.10
CA LYS C 4 -14.13 -25.81 -21.31
C LYS C 4 -14.19 -24.39 -21.88
N LEU C 5 -13.02 -23.75 -22.01
CA LEU C 5 -12.88 -22.41 -22.65
C LEU C 5 -12.21 -22.64 -24.00
N ILE C 6 -12.81 -22.14 -25.08
CA ILE C 6 -12.35 -22.43 -26.47
C ILE C 6 -11.86 -21.11 -27.09
N SER C 7 -10.64 -21.14 -27.62
CA SER C 7 -9.97 -19.98 -28.25
C SER C 7 -10.44 -19.82 -29.70
N SER C 8 -10.08 -18.70 -30.31
CA SER C 8 -10.42 -18.36 -31.71
C SER C 8 -9.91 -19.45 -32.66
N ASP C 9 -8.72 -19.98 -32.40
CA ASP C 9 -8.02 -20.99 -33.24
C ASP C 9 -8.39 -22.42 -32.80
N GLY C 10 -9.42 -22.58 -31.95
CA GLY C 10 -10.03 -23.88 -31.64
C GLY C 10 -9.29 -24.69 -30.58
N HIS C 11 -8.38 -24.08 -29.81
CA HIS C 11 -7.76 -24.74 -28.64
C HIS C 11 -8.80 -24.82 -27.53
N GLU C 12 -8.92 -25.99 -26.91
CA GLU C 12 -9.85 -26.25 -25.79
C GLU C 12 -9.05 -26.26 -24.50
N PHE C 13 -9.42 -25.39 -23.57
CA PHE C 13 -8.81 -25.27 -22.22
C PHE C 13 -9.81 -25.78 -21.20
N ILE C 14 -9.46 -26.89 -20.54
CA ILE C 14 -10.30 -27.53 -19.50
C ILE C 14 -9.75 -27.07 -18.14
N VAL C 15 -10.55 -26.31 -17.38
CA VAL C 15 -10.15 -25.68 -16.10
C VAL C 15 -11.25 -25.96 -15.08
N LYS C 16 -10.91 -25.98 -13.79
CA LYS C 16 -11.91 -26.11 -12.71
C LYS C 16 -12.89 -24.94 -12.82
N ARG C 17 -14.17 -25.20 -12.62
CA ARG C 17 -15.24 -24.18 -12.70
C ARG C 17 -14.86 -23.01 -11.79
N GLU C 18 -14.43 -23.31 -10.55
CA GLU C 18 -14.02 -22.31 -9.54
C GLU C 18 -12.97 -21.36 -10.14
N HIS C 19 -12.03 -21.88 -10.92
CA HIS C 19 -10.95 -21.09 -11.57
C HIS C 19 -11.56 -20.18 -12.64
N ALA C 20 -12.41 -20.72 -13.51
CA ALA C 20 -13.06 -19.99 -14.63
C ALA C 20 -13.93 -18.84 -14.08
N LEU C 21 -14.58 -19.03 -12.94
CA LEU C 21 -15.47 -18.02 -12.27
C LEU C 21 -14.67 -16.81 -11.77
N THR C 22 -13.33 -16.87 -11.76
CA THR C 22 -12.42 -15.72 -11.53
C THR C 22 -12.77 -14.58 -12.50
N SER C 23 -13.14 -14.92 -13.74
CA SER C 23 -13.55 -13.97 -14.81
C SER C 23 -15.03 -13.59 -14.63
N GLY C 24 -15.32 -12.31 -14.44
CA GLY C 24 -16.70 -11.79 -14.35
C GLY C 24 -17.49 -12.13 -15.59
N THR C 25 -16.87 -12.00 -16.77
CA THR C 25 -17.50 -12.30 -18.08
C THR C 25 -17.85 -13.79 -18.15
N ILE C 26 -16.89 -14.68 -17.84
CA ILE C 26 -17.11 -16.14 -17.91
C ILE C 26 -18.16 -16.52 -16.86
N LYS C 27 -18.09 -15.97 -15.65
CA LYS C 27 -19.09 -16.21 -14.58
C LYS C 27 -20.49 -15.86 -15.11
N ALA C 28 -20.66 -14.70 -15.72
CA ALA C 28 -21.95 -14.23 -16.27
C ALA C 28 -22.44 -15.18 -17.36
N MET C 29 -21.56 -15.59 -18.26
CA MET C 29 -21.95 -16.47 -19.39
C MET C 29 -22.32 -17.85 -18.86
N LEU C 30 -21.60 -18.38 -17.87
CA LEU C 30 -21.87 -19.74 -17.31
C LEU C 30 -23.11 -19.72 -16.41
N SER C 31 -23.46 -18.56 -15.85
CA SER C 31 -24.59 -18.39 -14.89
C SER C 31 -25.84 -17.95 -15.64
N GLY C 32 -25.72 -17.75 -16.95
CA GLY C 32 -26.80 -17.24 -17.80
C GLY C 32 -27.74 -18.37 -18.25
N PRO C 33 -28.49 -18.16 -19.35
CA PRO C 33 -29.47 -19.15 -19.81
C PRO C 33 -28.79 -20.29 -20.57
N GLY C 34 -29.48 -21.42 -20.72
CA GLY C 34 -29.00 -22.61 -21.47
C GLY C 34 -27.65 -23.09 -20.99
N ASN C 42 -20.01 -27.76 -19.39
CA ASN C 42 -20.36 -26.43 -19.97
C ASN C 42 -19.14 -25.80 -20.63
N GLU C 43 -19.35 -25.05 -21.70
CA GLU C 43 -18.24 -24.43 -22.45
C GLU C 43 -18.56 -22.98 -22.77
N VAL C 44 -17.49 -22.20 -22.93
CA VAL C 44 -17.53 -20.79 -23.41
C VAL C 44 -16.59 -20.74 -24.59
N ASN C 45 -17.09 -20.24 -25.71
CA ASN C 45 -16.34 -20.11 -26.99
C ASN C 45 -16.02 -18.63 -27.20
N PHE C 46 -14.73 -18.28 -27.35
CA PHE C 46 -14.25 -16.90 -27.60
C PHE C 46 -13.72 -16.80 -29.03
N ARG C 47 -14.53 -16.21 -29.91
CA ARG C 47 -14.28 -16.16 -31.37
C ARG C 47 -13.03 -15.31 -31.68
N GLU C 48 -12.63 -14.39 -30.80
CA GLU C 48 -11.54 -13.42 -31.11
C GLU C 48 -10.43 -13.40 -30.06
N ILE C 49 -10.38 -14.37 -29.15
CA ILE C 49 -9.24 -14.49 -28.19
C ILE C 49 -8.41 -15.70 -28.62
N PRO C 50 -7.15 -15.49 -29.06
CA PRO C 50 -6.33 -16.60 -29.53
C PRO C 50 -5.74 -17.40 -28.36
N SER C 51 -5.26 -18.61 -28.68
CA SER C 51 -4.79 -19.62 -27.71
C SER C 51 -3.63 -19.09 -26.88
N HIS C 52 -2.67 -18.35 -27.45
CA HIS C 52 -1.52 -17.82 -26.66
C HIS C 52 -2.02 -16.87 -25.55
N VAL C 53 -3.14 -16.17 -25.77
CA VAL C 53 -3.71 -15.24 -24.76
C VAL C 53 -4.57 -16.04 -23.76
N LEU C 54 -5.46 -16.91 -24.25
CA LEU C 54 -6.42 -17.64 -23.37
C LEU C 54 -5.63 -18.58 -22.45
N SER C 55 -4.56 -19.21 -22.92
CA SER C 55 -3.72 -20.11 -22.08
C SER C 55 -3.10 -19.29 -20.93
N LYS C 56 -2.63 -18.08 -21.22
CA LYS C 56 -2.04 -17.16 -20.21
C LYS C 56 -3.13 -16.73 -19.20
N VAL C 57 -4.35 -16.48 -19.66
CA VAL C 57 -5.50 -16.13 -18.77
C VAL C 57 -5.76 -17.30 -17.81
N CYS C 58 -5.74 -18.53 -18.30
CA CYS C 58 -5.95 -19.74 -17.46
C CYS C 58 -4.85 -19.85 -16.40
N MET C 59 -3.60 -19.52 -16.74
CA MET C 59 -2.47 -19.51 -15.78
C MET C 59 -2.77 -18.46 -14.70
N TYR C 60 -3.30 -17.30 -15.08
CA TYR C 60 -3.73 -16.26 -14.10
C TYR C 60 -4.78 -16.84 -13.15
N PHE C 61 -5.79 -17.57 -13.65
CA PHE C 61 -6.84 -18.19 -12.79
C PHE C 61 -6.17 -19.10 -11.75
N THR C 62 -5.25 -19.96 -12.17
CA THR C 62 -4.52 -20.91 -11.29
C THR C 62 -3.81 -20.12 -10.19
N TYR C 63 -3.08 -19.08 -10.59
CA TYR C 63 -2.30 -18.17 -9.70
C TYR C 63 -3.24 -17.51 -8.68
N LYS C 64 -4.36 -16.96 -9.16
CA LYS C 64 -5.32 -16.20 -8.32
CA LYS C 64 -5.31 -16.19 -8.30
C LYS C 64 -5.88 -17.15 -7.25
N VAL C 65 -6.35 -18.33 -7.65
CA VAL C 65 -6.99 -19.25 -6.68
C VAL C 65 -5.94 -19.78 -5.70
N ARG C 66 -4.70 -20.04 -6.17
CA ARG C 66 -3.63 -20.58 -5.30
C ARG C 66 -3.25 -19.54 -4.23
N TYR C 67 -3.09 -18.27 -4.61
CA TYR C 67 -2.41 -17.26 -3.75
C TYR C 67 -3.40 -16.30 -3.08
N THR C 68 -4.70 -16.33 -3.43
CA THR C 68 -5.74 -15.51 -2.75
C THR C 68 -5.88 -16.03 -1.30
N ASN C 69 -5.91 -15.10 -0.34
CA ASN C 69 -6.05 -15.38 1.13
C ASN C 69 -4.87 -16.22 1.64
N SER C 70 -3.72 -16.16 0.96
CA SER C 70 -2.46 -16.83 1.39
C SER C 70 -1.72 -15.91 2.38
N SER C 71 -1.27 -16.46 3.51
CA SER C 71 -0.55 -15.74 4.59
C SER C 71 0.94 -15.66 4.28
N THR C 72 1.40 -16.39 3.25
CA THR C 72 2.83 -16.53 2.86
C THR C 72 3.19 -15.45 1.84
N GLU C 73 4.48 -15.29 1.57
CA GLU C 73 5.02 -14.51 0.43
C GLU C 73 4.42 -15.08 -0.87
N ILE C 74 3.90 -14.22 -1.75
CA ILE C 74 3.38 -14.65 -3.07
C ILE C 74 4.29 -14.08 -4.15
N PRO C 75 4.50 -14.83 -5.26
CA PRO C 75 5.37 -14.40 -6.33
C PRO C 75 4.64 -13.39 -7.23
N GLU C 76 5.43 -12.61 -7.96
CA GLU C 76 4.95 -11.70 -9.03
C GLU C 76 4.29 -12.54 -10.13
N PHE C 77 3.16 -12.09 -10.66
CA PHE C 77 2.59 -12.68 -11.89
C PHE C 77 3.37 -12.13 -13.08
N PRO C 78 4.12 -12.99 -13.81
CA PRO C 78 5.00 -12.51 -14.87
C PRO C 78 4.23 -12.32 -16.19
N ILE C 79 4.53 -11.26 -16.93
CA ILE C 79 3.93 -10.97 -18.27
C ILE C 79 5.04 -10.52 -19.21
N ALA C 80 5.29 -11.29 -20.27
CA ALA C 80 6.28 -10.96 -21.32
C ALA C 80 5.82 -9.72 -22.06
N PRO C 81 6.75 -8.82 -22.46
CA PRO C 81 6.37 -7.62 -23.22
C PRO C 81 5.51 -7.94 -24.45
N GLU C 82 5.80 -9.06 -25.11
CA GLU C 82 5.20 -9.45 -26.41
C GLU C 82 3.69 -9.73 -26.27
N ILE C 83 3.22 -10.13 -25.08
N ILE C 83 3.21 -10.13 -25.09
CA ILE C 83 1.81 -10.52 -24.83
CA ILE C 83 1.77 -10.48 -24.87
C ILE C 83 1.08 -9.45 -23.99
C ILE C 83 1.06 -9.42 -24.04
N ALA C 84 1.79 -8.48 -23.43
CA ALA C 84 1.24 -7.52 -22.43
C ALA C 84 0.00 -6.79 -22.98
N LEU C 85 0.05 -6.28 -24.21
CA LEU C 85 -1.06 -5.43 -24.76
C LEU C 85 -2.28 -6.31 -25.03
N GLU C 86 -2.10 -7.45 -25.67
CA GLU C 86 -3.19 -8.43 -25.94
C GLU C 86 -3.79 -8.91 -24.61
N LEU C 87 -2.95 -9.19 -23.62
CA LEU C 87 -3.42 -9.71 -22.32
C LEU C 87 -4.22 -8.63 -21.59
N LEU C 88 -3.78 -7.36 -21.63
CA LEU C 88 -4.53 -6.22 -21.07
C LEU C 88 -5.93 -6.17 -21.68
N MET C 89 -6.00 -6.20 -23.00
CA MET C 89 -7.29 -6.14 -23.74
C MET C 89 -8.18 -7.32 -23.33
N ALA C 90 -7.62 -8.53 -23.24
CA ALA C 90 -8.37 -9.74 -22.81
C ALA C 90 -8.80 -9.62 -21.35
N ALA C 91 -7.93 -9.18 -20.44
CA ALA C 91 -8.25 -9.02 -19.01
C ALA C 91 -9.41 -8.03 -18.84
N ASN C 92 -9.38 -6.93 -19.59
CA ASN C 92 -10.45 -5.91 -19.56
C ASN C 92 -11.75 -6.52 -20.07
N PHE C 93 -11.69 -7.22 -21.21
CA PHE C 93 -12.85 -7.88 -21.86
C PHE C 93 -13.45 -8.93 -20.93
N LEU C 94 -12.60 -9.71 -20.26
CA LEU C 94 -13.04 -10.87 -19.44
C LEU C 94 -13.36 -10.47 -17.98
N ASP C 95 -13.12 -9.21 -17.61
CA ASP C 95 -13.35 -8.69 -16.24
C ASP C 95 -12.64 -9.61 -15.23
N CYS C 96 -11.31 -9.73 -15.33
CA CYS C 96 -10.53 -10.49 -14.32
C CYS C 96 -9.22 -9.76 -13.99
N ALA D 4 1.35 38.70 39.00
CA ALA D 4 2.13 37.69 39.79
C ALA D 4 2.63 36.58 38.85
N MET D 5 1.87 35.49 38.69
CA MET D 5 2.10 34.45 37.66
C MET D 5 1.90 35.08 36.27
N SER D 6 0.95 36.01 36.16
CA SER D 6 0.66 36.82 34.95
C SER D 6 1.95 37.43 34.39
N GLN D 7 2.70 38.15 35.23
CA GLN D 7 3.94 38.88 34.83
C GLN D 7 5.01 37.88 34.35
N SER D 8 5.20 36.79 35.09
CA SER D 8 6.14 35.68 34.75
C SER D 8 5.72 35.06 33.41
N ASN D 9 4.44 34.78 33.21
CA ASN D 9 3.92 34.18 31.94
C ASN D 9 4.20 35.15 30.78
N ARG D 10 3.97 36.45 31.00
CA ARG D 10 4.24 37.52 29.99
C ARG D 10 5.73 37.48 29.60
N GLU D 11 6.63 37.37 30.59
CA GLU D 11 8.10 37.33 30.37
CA GLU D 11 8.10 37.34 30.37
C GLU D 11 8.47 36.09 29.56
N LEU D 12 7.80 34.96 29.80
CA LEU D 12 8.09 33.69 29.06
C LEU D 12 7.70 33.89 27.60
N VAL D 13 6.54 34.50 27.34
CA VAL D 13 6.04 34.77 25.97
C VAL D 13 7.10 35.59 25.24
N VAL D 14 7.53 36.70 25.83
CA VAL D 14 8.45 37.67 25.19
C VAL D 14 9.79 36.96 24.91
N ASP D 15 10.27 36.16 25.87
CA ASP D 15 11.55 35.43 25.72
C ASP D 15 11.45 34.47 24.54
N PHE D 16 10.37 33.69 24.48
CA PHE D 16 10.18 32.64 23.43
C PHE D 16 10.09 33.31 22.06
N LEU D 17 9.26 34.34 21.93
CA LEU D 17 9.07 35.06 20.65
C LEU D 17 10.39 35.72 20.24
N SER D 18 11.14 36.30 21.18
CA SER D 18 12.47 36.91 20.92
C SER D 18 13.41 35.85 20.33
N TYR D 19 13.41 34.65 20.91
CA TYR D 19 14.21 33.50 20.43
C TYR D 19 13.84 33.16 18.98
N LYS D 20 12.54 33.00 18.67
CA LYS D 20 12.08 32.53 17.34
C LYS D 20 12.42 33.58 16.29
N LEU D 21 12.26 34.86 16.62
CA LEU D 21 12.60 35.98 15.71
C LEU D 21 14.11 36.02 15.48
N SER D 22 14.90 35.83 16.53
N SER D 22 14.91 35.82 16.53
CA SER D 22 16.39 35.79 16.50
CA SER D 22 16.40 35.81 16.45
C SER D 22 16.85 34.68 15.54
C SER D 22 16.87 34.68 15.52
N GLN D 23 16.19 33.53 15.55
CA GLN D 23 16.56 32.37 14.68
C GLN D 23 16.39 32.75 13.21
N LYS D 24 15.39 33.57 12.88
CA LYS D 24 15.10 34.04 11.49
C LYS D 24 15.92 35.29 11.16
N GLY D 25 16.62 35.85 12.15
CA GLY D 25 17.49 37.03 11.96
C GLY D 25 16.72 38.32 12.13
N TYR D 26 15.83 38.37 13.12
CA TYR D 26 15.15 39.61 13.59
C TYR D 26 15.36 39.76 15.10
N SER D 27 15.55 41.00 15.57
CA SER D 27 15.68 41.32 17.02
C SER D 27 14.30 41.72 17.54
N TRP D 28 14.08 41.56 18.84
CA TRP D 28 12.74 41.79 19.47
C TRP D 28 12.48 43.30 19.62
N SER D 29 13.48 44.06 20.09
N SER D 29 13.47 44.04 20.12
CA SER D 29 13.33 45.45 20.59
CA SER D 29 13.37 45.46 20.57
C SER D 29 12.52 46.29 19.60
C SER D 29 12.53 46.29 19.60
N GLN D 30 12.80 46.17 18.29
CA GLN D 30 12.12 46.96 17.23
C GLN D 30 10.61 46.70 17.17
N PHE D 31 10.15 45.53 17.66
CA PHE D 31 8.71 45.12 17.63
C PHE D 31 8.00 45.56 18.91
N SER D 32 8.73 45.78 20.01
CA SER D 32 8.20 46.18 21.34
C SER D 32 7.64 47.61 21.25
N VAL D 84 7.87 32.81 43.01
CA VAL D 84 9.22 32.69 42.37
C VAL D 84 9.30 31.37 41.60
N ILE D 85 9.50 31.44 40.28
CA ILE D 85 9.83 30.25 39.44
C ILE D 85 11.28 30.41 38.97
N PRO D 86 11.98 29.31 38.62
CA PRO D 86 13.35 29.42 38.11
C PRO D 86 13.34 29.89 36.66
N MET D 87 13.23 31.21 36.46
CA MET D 87 12.88 31.84 35.16
CA MET D 87 12.89 31.86 35.16
C MET D 87 13.90 31.46 34.08
N ALA D 88 15.20 31.57 34.39
CA ALA D 88 16.28 31.24 33.43
C ALA D 88 16.11 29.79 32.95
N ALA D 89 15.84 28.86 33.87
CA ALA D 89 15.70 27.41 33.58
C ALA D 89 14.41 27.16 32.77
N VAL D 90 13.33 27.89 33.09
CA VAL D 90 12.03 27.72 32.37
C VAL D 90 12.19 28.23 30.93
N LYS D 91 12.76 29.43 30.76
CA LYS D 91 13.01 30.04 29.42
C LYS D 91 13.83 29.07 28.56
N GLN D 92 14.93 28.53 29.10
CA GLN D 92 15.85 27.66 28.32
C GLN D 92 15.13 26.37 27.92
N ALA D 93 14.36 25.77 28.83
CA ALA D 93 13.62 24.52 28.57
C ALA D 93 12.55 24.78 27.50
N LEU D 94 11.88 25.94 27.57
CA LEU D 94 10.79 26.30 26.62
C LEU D 94 11.40 26.52 25.23
N ARG D 95 12.55 27.20 25.15
CA ARG D 95 13.29 27.40 23.87
C ARG D 95 13.64 26.05 23.25
N GLU D 96 14.23 25.14 24.03
CA GLU D 96 14.67 23.79 23.56
C GLU D 96 13.45 22.95 23.17
N ALA D 97 12.38 23.01 23.97
CA ALA D 97 11.13 22.25 23.73
C ALA D 97 10.49 22.74 22.42
N GLY D 98 10.45 24.05 22.18
CA GLY D 98 9.96 24.64 20.93
C GLY D 98 10.76 24.14 19.72
N ASP D 99 12.09 24.13 19.83
CA ASP D 99 12.97 23.61 18.75
C ASP D 99 12.62 22.14 18.46
N GLU D 100 12.46 21.32 19.51
CA GLU D 100 12.18 19.88 19.37
C GLU D 100 10.79 19.71 18.73
N PHE D 101 9.81 20.47 19.19
CA PHE D 101 8.43 20.43 18.65
C PHE D 101 8.46 20.71 17.14
N GLU D 102 9.13 21.79 16.73
CA GLU D 102 9.18 22.25 15.31
C GLU D 102 9.95 21.22 14.46
N LEU D 103 11.00 20.62 15.01
CA LEU D 103 11.86 19.65 14.28
C LEU D 103 11.12 18.32 14.05
N ARG D 104 10.43 17.82 15.07
N ARG D 104 10.47 17.78 15.07
CA ARG D 104 10.04 16.38 15.21
CA ARG D 104 10.02 16.36 15.11
C ARG D 104 8.52 16.19 15.12
C ARG D 104 8.49 16.24 15.02
N TYR D 105 7.72 17.15 15.62
CA TYR D 105 6.29 16.91 15.95
C TYR D 105 5.30 17.75 15.15
N ARG D 106 5.61 19.01 14.84
CA ARG D 106 4.59 19.95 14.30
C ARG D 106 3.89 19.31 13.08
N ARG D 107 4.64 18.73 12.15
CA ARG D 107 4.08 18.24 10.86
C ARG D 107 3.19 17.00 11.07
N ALA D 108 3.16 16.42 12.26
CA ALA D 108 2.30 15.26 12.60
C ALA D 108 0.86 15.73 12.88
N PHE D 109 0.64 17.04 13.06
CA PHE D 109 -0.66 17.62 13.44
C PHE D 109 -1.16 18.55 12.33
N SER D 110 -2.43 18.93 12.39
CA SER D 110 -3.06 19.95 11.52
C SER D 110 -2.25 21.24 11.65
N ASP D 111 -1.99 21.93 10.54
CA ASP D 111 -1.23 23.22 10.50
C ASP D 111 -2.18 24.35 10.87
N LEU D 112 -2.08 24.89 12.10
CA LEU D 112 -3.01 25.97 12.58
C LEU D 112 -2.78 27.29 11.82
N THR D 113 -1.63 27.49 11.17
CA THR D 113 -1.35 28.73 10.37
C THR D 113 -2.21 28.75 9.08
N SER D 114 -2.80 27.61 8.71
N SER D 114 -2.82 27.62 8.72
CA SER D 114 -3.79 27.50 7.60
CA SER D 114 -3.79 27.51 7.59
C SER D 114 -5.17 28.01 8.06
C SER D 114 -5.21 27.84 8.06
N GLN D 115 -5.42 28.00 9.37
CA GLN D 115 -6.77 28.28 9.97
C GLN D 115 -6.86 29.72 10.50
N LEU D 116 -5.72 30.41 10.61
CA LEU D 116 -5.64 31.81 11.12
C LEU D 116 -4.64 32.58 10.28
N HIS D 117 -5.11 33.56 9.53
CA HIS D 117 -4.27 34.54 8.79
C HIS D 117 -4.49 35.91 9.42
N ILE D 118 -3.58 36.35 10.30
CA ILE D 118 -3.73 37.57 11.13
C ILE D 118 -3.45 38.80 10.27
N THR D 119 -4.41 39.72 10.21
CA THR D 119 -4.28 41.05 9.58
C THR D 119 -4.49 42.09 10.69
N PRO D 120 -4.28 43.40 10.44
CA PRO D 120 -4.58 44.43 11.43
C PRO D 120 -5.99 44.35 12.04
N GLY D 121 -6.99 43.90 11.27
CA GLY D 121 -8.41 43.80 11.67
C GLY D 121 -8.76 42.56 12.47
N THR D 122 -7.89 41.53 12.51
CA THR D 122 -8.16 40.25 13.21
C THR D 122 -8.42 40.51 14.69
N ALA D 123 -9.48 39.93 15.24
CA ALA D 123 -9.89 40.04 16.66
C ALA D 123 -9.21 38.94 17.48
N TYR D 124 -8.95 39.21 18.76
CA TYR D 124 -8.41 38.23 19.73
C TYR D 124 -9.26 36.95 19.67
N GLN D 125 -10.59 37.09 19.55
CA GLN D 125 -11.55 35.96 19.59
C GLN D 125 -11.21 34.93 18.51
N SER D 126 -10.76 35.38 17.34
CA SER D 126 -10.34 34.51 16.21
C SER D 126 -9.09 33.70 16.59
N PHE D 127 -8.12 34.33 17.25
CA PHE D 127 -6.89 33.65 17.76
C PHE D 127 -7.31 32.62 18.82
N GLU D 128 -8.14 33.03 19.78
CA GLU D 128 -8.62 32.20 20.90
C GLU D 128 -9.33 30.96 20.35
N GLN D 129 -10.19 31.12 19.35
CA GLN D 129 -10.97 30.01 18.75
C GLN D 129 -9.99 29.02 18.10
N VAL D 130 -8.97 29.49 17.41
CA VAL D 130 -8.00 28.58 16.72
C VAL D 130 -7.14 27.89 17.80
N VAL D 131 -6.69 28.62 18.81
CA VAL D 131 -5.85 28.02 19.89
C VAL D 131 -6.71 27.01 20.68
N ASN D 132 -8.01 27.27 20.87
CA ASN D 132 -8.95 26.32 21.52
C ASN D 132 -8.90 24.94 20.83
N GLU D 133 -8.73 24.88 19.51
CA GLU D 133 -8.63 23.62 18.72
C GLU D 133 -7.40 22.83 19.19
N LEU D 134 -6.28 23.51 19.41
CA LEU D 134 -5.04 22.94 19.97
C LEU D 134 -5.37 22.18 21.26
N PHE D 135 -6.18 22.77 22.15
CA PHE D 135 -6.50 22.23 23.49
C PHE D 135 -7.88 21.54 23.48
N ARG D 136 -8.36 21.10 22.32
CA ARG D 136 -9.71 20.50 22.16
C ARG D 136 -9.87 19.30 23.11
N ASP D 137 -8.81 18.50 23.32
CA ASP D 137 -8.86 17.29 24.19
C ASP D 137 -8.23 17.58 25.55
N GLY D 138 -8.05 18.85 25.90
CA GLY D 138 -7.48 19.24 27.20
C GLY D 138 -6.04 19.71 27.07
N VAL D 139 -5.44 20.04 28.21
CA VAL D 139 -4.09 20.66 28.32
C VAL D 139 -3.10 19.58 28.74
N ASN D 140 -1.93 19.60 28.13
CA ASN D 140 -0.72 18.88 28.63
C ASN D 140 0.48 19.75 28.24
N TRP D 141 1.66 19.47 28.79
CA TRP D 141 2.89 20.26 28.56
C TRP D 141 3.20 20.33 27.05
N GLY D 142 3.02 19.22 26.33
CA GLY D 142 3.31 19.15 24.88
C GLY D 142 2.47 20.15 24.09
N ARG D 143 1.19 20.22 24.40
CA ARG D 143 0.24 21.16 23.75
C ARG D 143 0.59 22.60 24.14
N ILE D 144 1.05 22.84 25.37
CA ILE D 144 1.52 24.19 25.77
C ILE D 144 2.74 24.58 24.91
N VAL D 145 3.67 23.66 24.69
CA VAL D 145 4.84 23.94 23.81
C VAL D 145 4.35 24.28 22.41
N ALA D 146 3.39 23.51 21.89
CA ALA D 146 2.81 23.70 20.55
C ALA D 146 2.23 25.11 20.46
N PHE D 147 1.51 25.56 21.49
CA PHE D 147 0.93 26.92 21.62
C PHE D 147 2.03 27.98 21.47
N PHE D 148 3.14 27.84 22.22
CA PHE D 148 4.29 28.79 22.13
C PHE D 148 4.83 28.79 20.70
N SER D 149 5.09 27.61 20.14
N SER D 149 5.09 27.59 20.15
CA SER D 149 5.61 27.43 18.76
CA SER D 149 5.58 27.38 18.76
C SER D 149 4.65 28.09 17.76
C SER D 149 4.65 28.08 17.76
N PHE D 150 3.33 27.95 17.95
CA PHE D 150 2.31 28.55 17.06
C PHE D 150 2.42 30.07 17.09
N GLY D 151 2.50 30.67 18.28
CA GLY D 151 2.71 32.13 18.43
C GLY D 151 3.98 32.58 17.72
N GLY D 152 5.07 31.82 17.88
CA GLY D 152 6.34 32.09 17.18
C GLY D 152 6.16 32.12 15.67
N ALA D 153 5.47 31.12 15.11
CA ALA D 153 5.22 31.01 13.65
C ALA D 153 4.36 32.20 13.19
N LEU D 154 3.37 32.61 13.98
CA LEU D 154 2.50 33.78 13.65
C LEU D 154 3.33 35.06 13.60
N CYS D 155 4.26 35.24 14.56
CA CYS D 155 5.14 36.45 14.62
C CYS D 155 6.06 36.48 13.40
N VAL D 156 6.67 35.35 13.04
CA VAL D 156 7.59 35.25 11.88
C VAL D 156 6.80 35.57 10.60
N GLU D 157 5.62 34.98 10.45
CA GLU D 157 4.73 35.17 9.28
C GLU D 157 4.38 36.67 9.17
N SER D 158 4.03 37.32 10.28
CA SER D 158 3.66 38.75 10.34
C SER D 158 4.82 39.63 9.83
N VAL D 159 6.05 39.30 10.25
CA VAL D 159 7.27 40.05 9.79
C VAL D 159 7.43 39.82 8.28
N ASP D 160 7.31 38.56 7.82
CA ASP D 160 7.44 38.17 6.39
C ASP D 160 6.45 38.97 5.54
N LYS D 161 5.24 39.22 6.04
CA LYS D 161 4.13 39.89 5.28
C LYS D 161 4.13 41.41 5.53
N GLU D 162 5.19 41.93 6.15
N GLU D 162 5.20 41.97 6.11
CA GLU D 162 5.41 43.38 6.42
CA GLU D 162 5.35 43.42 6.38
C GLU D 162 4.23 43.90 7.27
C GLU D 162 4.21 43.91 7.28
N MET D 163 3.89 43.18 8.34
CA MET D 163 2.89 43.59 9.35
C MET D 163 3.52 43.47 10.73
N GLN D 164 4.64 44.18 10.91
CA GLN D 164 5.53 44.13 12.10
C GLN D 164 4.75 44.55 13.36
N VAL D 165 3.70 45.36 13.22
CA VAL D 165 2.83 45.85 14.33
C VAL D 165 2.12 44.67 15.01
N LEU D 166 1.88 43.57 14.30
CA LEU D 166 1.17 42.39 14.85
C LEU D 166 2.04 41.64 15.87
N VAL D 167 3.37 41.78 15.84
CA VAL D 167 4.27 40.98 16.73
C VAL D 167 3.92 41.26 18.19
N SER D 168 3.89 42.54 18.58
N SER D 168 3.89 42.54 18.58
CA SER D 168 3.53 43.00 19.94
CA SER D 168 3.53 42.98 19.95
C SER D 168 2.10 42.55 20.29
C SER D 168 2.09 42.56 20.30
N ARG D 169 1.18 42.59 19.31
CA ARG D 169 -0.24 42.22 19.50
C ARG D 169 -0.33 40.70 19.75
N ILE D 170 0.38 39.90 18.97
CA ILE D 170 0.39 38.42 19.15
C ILE D 170 0.94 38.09 20.54
N ALA D 171 1.98 38.79 21.01
CA ALA D 171 2.57 38.59 22.36
C ALA D 171 1.49 38.84 23.42
N ALA D 172 0.71 39.92 23.27
CA ALA D 172 -0.37 40.31 24.21
C ALA D 172 -1.46 39.23 24.19
N TRP D 173 -1.84 38.76 23.00
CA TRP D 173 -2.85 37.69 22.81
C TRP D 173 -2.40 36.40 23.51
N MET D 174 -1.13 36.03 23.38
CA MET D 174 -0.59 34.79 23.99
C MET D 174 -0.64 34.91 25.52
N ALA D 175 -0.28 36.07 26.07
CA ALA D 175 -0.28 36.34 27.53
C ALA D 175 -1.71 36.22 28.05
N THR D 176 -2.68 36.79 27.34
CA THR D 176 -4.12 36.72 27.69
C THR D 176 -4.58 35.26 27.71
N TYR D 177 -4.27 34.50 26.66
CA TYR D 177 -4.71 33.09 26.54
C TYR D 177 -4.10 32.28 27.70
N LEU D 178 -2.80 32.47 27.94
CA LEU D 178 -2.05 31.81 29.05
C LEU D 178 -2.73 32.06 30.39
N ASN D 179 -3.03 33.33 30.68
N ASN D 179 -3.03 33.33 30.68
CA ASN D 179 -3.63 33.78 31.97
CA ASN D 179 -3.64 33.79 31.96
C ASN D 179 -5.04 33.19 32.11
C ASN D 179 -5.04 33.19 32.10
N ASP D 180 -5.86 33.25 31.05
CA ASP D 180 -7.29 32.86 31.07
C ASP D 180 -7.47 31.34 30.99
N HIS D 181 -6.68 30.63 30.18
CA HIS D 181 -6.98 29.24 29.77
C HIS D 181 -6.00 28.23 30.38
N LEU D 182 -4.73 28.61 30.62
CA LEU D 182 -3.65 27.64 30.87
C LEU D 182 -3.09 27.75 32.29
N GLU D 183 -3.04 28.93 32.91
CA GLU D 183 -2.40 29.09 34.24
C GLU D 183 -3.10 28.20 35.27
N PRO D 184 -4.44 28.05 35.29
CA PRO D 184 -5.09 27.16 36.25
C PRO D 184 -4.60 25.71 36.11
N TRP D 185 -4.41 25.23 34.87
CA TRP D 185 -3.86 23.87 34.63
C TRP D 185 -2.42 23.80 35.12
N ILE D 186 -1.63 24.83 34.84
CA ILE D 186 -0.19 24.89 35.26
C ILE D 186 -0.11 24.80 36.79
N GLN D 187 -0.93 25.59 37.49
CA GLN D 187 -1.00 25.60 38.99
C GLN D 187 -1.26 24.16 39.49
N GLU D 188 -2.14 23.44 38.79
CA GLU D 188 -2.65 22.09 39.14
C GLU D 188 -1.62 21.00 38.81
N ASN D 189 -0.64 21.28 37.94
CA ASN D 189 0.21 20.22 37.34
C ASN D 189 1.69 20.47 37.65
N GLY D 190 2.00 21.03 38.82
CA GLY D 190 3.37 21.11 39.36
C GLY D 190 4.10 22.38 38.94
N GLY D 191 3.39 23.30 38.27
CA GLY D 191 3.94 24.59 37.82
C GLY D 191 5.04 24.43 36.77
N TRP D 192 5.63 25.55 36.38
CA TRP D 192 6.76 25.61 35.40
C TRP D 192 7.97 24.84 35.95
N ASP D 193 8.07 24.70 37.28
CA ASP D 193 9.12 23.88 37.96
C ASP D 193 9.07 22.44 37.42
N THR D 194 7.88 21.85 37.34
CA THR D 194 7.66 20.47 36.85
C THR D 194 7.88 20.43 35.34
N PHE D 195 7.51 21.48 34.59
CA PHE D 195 7.84 21.55 33.14
C PHE D 195 9.35 21.37 32.97
N VAL D 196 10.16 22.11 33.72
CA VAL D 196 11.65 22.05 33.65
C VAL D 196 12.13 20.63 33.97
N GLU D 197 11.58 19.98 34.99
CA GLU D 197 11.94 18.59 35.38
C GLU D 197 11.72 17.65 34.20
N LEU D 198 10.60 17.79 33.49
CA LEU D 198 10.17 16.85 32.42
C LEU D 198 10.84 17.19 31.09
N TYR D 199 11.04 18.47 30.76
CA TYR D 199 11.44 18.92 29.40
C TYR D 199 12.84 19.54 29.38
N GLY D 200 13.37 19.95 30.54
CA GLY D 200 14.69 20.60 30.66
C GLY D 200 15.83 19.62 30.43
N ASN D 201 17.04 20.13 30.19
CA ASN D 201 18.27 19.32 29.99
C ASN D 201 18.60 18.58 31.30
#